data_3MXU
#
_entry.id   3MXU
#
_cell.length_a   98.910
_cell.length_b   98.910
_cell.length_c   131.540
_cell.angle_alpha   90.000
_cell.angle_beta   90.000
_cell.angle_gamma   120.000
#
_symmetry.space_group_name_H-M   'H 3 2'
#
loop_
_entity.id
_entity.type
_entity.pdbx_description
1 polymer 'Glycine cleavage system H protein'
2 non-polymer 'CITRIC ACID'
3 non-polymer 'SULFATE ION'
4 non-polymer 1,2-ETHANEDIOL
5 water water
#
_entity_poly.entity_id   1
_entity_poly.type   'polypeptide(L)'
_entity_poly.pdbx_seq_one_letter_code
;MAHHHHHHMGTLEAQTQGPGSMSKTYFTQDHEWLSVEGQVVTVGITDYAQEQLGDLVFIDLPQNGTKLSKGDAAAVVESV
KAASDVYAPLDGEVVEINAALAESPELVNQKAETEGWLWKMTVQDETQLERLLDEAAYKELIG
;
_entity_poly.pdbx_strand_id   A
#
# COMPACT_ATOMS: atom_id res chain seq x y z
N MET A 9 -15.37 -7.49 -12.89
CA MET A 9 -14.38 -6.38 -12.76
C MET A 9 -12.94 -6.89 -12.95
N GLY A 10 -12.00 -5.95 -12.96
CA GLY A 10 -10.56 -6.27 -13.00
C GLY A 10 -10.01 -6.73 -11.67
N THR A 11 -10.71 -6.38 -10.58
CA THR A 11 -10.34 -6.84 -9.24
C THR A 11 -10.50 -8.37 -9.11
N LEU A 12 -11.61 -8.90 -9.63
CA LEU A 12 -11.84 -10.35 -9.65
C LEU A 12 -10.67 -11.10 -10.31
N GLU A 13 -10.31 -10.66 -11.51
CA GLU A 13 -9.17 -11.20 -12.27
C GLU A 13 -7.88 -11.26 -11.41
N ALA A 14 -7.58 -10.15 -10.73
CA ALA A 14 -6.39 -10.03 -9.89
C ALA A 14 -6.42 -10.97 -8.67
N GLN A 15 -7.61 -11.14 -8.11
CA GLN A 15 -7.84 -12.06 -7.00
C GLN A 15 -7.77 -13.55 -7.42
N THR A 16 -8.27 -13.86 -8.62
CA THR A 16 -8.29 -15.24 -9.12
C THR A 16 -6.90 -15.74 -9.51
N GLN A 17 -6.11 -14.87 -10.15
CA GLN A 17 -4.77 -15.22 -10.64
C GLN A 17 -4.72 -16.35 -11.68
N GLY A 18 -5.74 -16.39 -12.55
CA GLY A 18 -5.78 -17.34 -13.68
C GLY A 18 -4.68 -17.07 -14.70
N PRO A 19 -4.60 -17.89 -15.77
CA PRO A 19 -3.53 -17.65 -16.76
C PRO A 19 -3.64 -16.24 -17.37
N GLY A 20 -2.49 -15.60 -17.59
CA GLY A 20 -2.45 -14.24 -18.15
C GLY A 20 -2.97 -13.15 -17.21
N SER A 21 -3.15 -13.51 -15.94
CA SER A 21 -3.62 -12.55 -14.93
C SER A 21 -2.55 -11.52 -14.62
N MET A 22 -3.00 -10.36 -14.17
CA MET A 22 -2.14 -9.23 -13.83
CA MET A 22 -2.12 -9.27 -13.80
C MET A 22 -2.67 -8.57 -12.56
N SER A 23 -1.78 -8.24 -11.63
CA SER A 23 -2.17 -7.50 -10.43
C SER A 23 -2.62 -6.11 -10.87
N LYS A 24 -3.55 -5.54 -10.09
CA LYS A 24 -4.09 -4.21 -10.36
C LYS A 24 -3.66 -3.32 -9.22
N THR A 25 -3.18 -2.12 -9.53
CA THR A 25 -2.80 -1.13 -8.52
C THR A 25 -3.77 0.05 -8.58
N TYR A 26 -4.14 0.56 -7.40
CA TYR A 26 -5.06 1.67 -7.29
C TYR A 26 -4.43 2.73 -6.42
N PHE A 27 -4.70 4.01 -6.73
CA PHE A 27 -4.22 5.09 -5.87
C PHE A 27 -5.40 5.72 -5.12
N THR A 28 -5.11 6.30 -3.95
CA THR A 28 -6.19 6.77 -3.07
C THR A 28 -6.32 8.26 -3.22
N GLN A 29 -7.06 8.88 -2.29
CA GLN A 29 -7.14 10.34 -2.25
C GLN A 29 -5.98 10.98 -1.52
N ASP A 30 -5.08 10.18 -0.94
CA ASP A 30 -4.04 10.71 -0.04
C ASP A 30 -2.62 10.26 -0.36
N HIS A 31 -2.33 10.11 -1.64
CA HIS A 31 -1.00 9.74 -2.11
C HIS A 31 -0.53 8.43 -1.49
N GLU A 32 -1.46 7.47 -1.47
CA GLU A 32 -1.13 6.08 -1.15
C GLU A 32 -1.65 5.21 -2.28
N TRP A 33 -1.11 3.99 -2.37
CA TRP A 33 -1.60 3.03 -3.34
C TRP A 33 -1.77 1.67 -2.68
N LEU A 34 -2.60 0.83 -3.31
CA LEU A 34 -2.72 -0.54 -2.88
C LEU A 34 -2.78 -1.41 -4.12
N SER A 35 -2.20 -2.60 -4.05
CA SER A 35 -2.24 -3.53 -5.16
CA SER A 35 -2.25 -3.54 -5.16
C SER A 35 -2.84 -4.86 -4.68
N VAL A 36 -3.66 -5.47 -5.53
CA VAL A 36 -4.32 -6.71 -5.20
C VAL A 36 -3.72 -7.86 -6.00
N GLU A 37 -3.22 -8.89 -5.31
CA GLU A 37 -2.77 -10.11 -5.98
C GLU A 37 -3.26 -11.26 -5.11
N GLY A 38 -4.19 -12.06 -5.64
CA GLY A 38 -4.88 -13.05 -4.82
C GLY A 38 -5.63 -12.35 -3.70
N GLN A 39 -5.49 -12.83 -2.47
CA GLN A 39 -6.08 -12.21 -1.29
C GLN A 39 -5.08 -11.31 -0.57
N VAL A 40 -3.94 -11.04 -1.21
CA VAL A 40 -2.91 -10.20 -0.59
C VAL A 40 -3.00 -8.78 -1.14
N VAL A 41 -3.18 -7.82 -0.23
CA VAL A 41 -3.19 -6.41 -0.60
C VAL A 41 -1.88 -5.80 -0.12
N THR A 42 -1.11 -5.27 -1.07
CA THR A 42 0.14 -4.60 -0.74
C THR A 42 -0.12 -3.10 -0.72
N VAL A 43 0.48 -2.39 0.24
CA VAL A 43 0.21 -0.96 0.44
C VAL A 43 1.55 -0.19 0.46
N GLY A 44 1.57 0.98 -0.18
CA GLY A 44 2.75 1.86 -0.11
C GLY A 44 2.35 3.31 -0.27
N ILE A 45 3.33 4.21 -0.27
CA ILE A 45 3.05 5.62 -0.61
C ILE A 45 3.39 5.79 -2.09
N THR A 46 2.79 6.79 -2.74
CA THR A 46 3.01 6.98 -4.18
C THR A 46 4.33 7.68 -4.45
N ASP A 47 4.74 7.70 -5.71
CA ASP A 47 5.90 8.46 -6.13
C ASP A 47 5.74 9.92 -5.73
N TYR A 48 4.52 10.42 -5.86
CA TYR A 48 4.23 11.81 -5.50
C TYR A 48 4.58 12.05 -4.03
N ALA A 49 4.09 11.16 -3.18
CA ALA A 49 4.34 11.28 -1.74
C ALA A 49 5.84 11.25 -1.39
N GLN A 50 6.60 10.34 -1.99
CA GLN A 50 8.03 10.27 -1.65
C GLN A 50 8.75 11.56 -2.10
N GLU A 51 8.31 12.11 -3.23
CA GLU A 51 8.90 13.38 -3.72
C GLU A 51 8.58 14.54 -2.79
N GLN A 52 7.36 14.58 -2.26
CA GLN A 52 6.99 15.64 -1.30
C GLN A 52 7.90 15.60 -0.06
N LEU A 53 8.25 14.40 0.38
CA LEU A 53 8.98 14.24 1.66
C LEU A 53 10.47 14.43 1.52
N GLY A 54 11.02 14.09 0.35
CA GLY A 54 12.46 14.11 0.20
C GLY A 54 13.08 12.84 0.75
N ASP A 55 14.40 12.84 0.90
CA ASP A 55 15.11 11.60 1.27
C ASP A 55 14.62 11.02 2.61
N LEU A 56 14.12 9.80 2.59
CA LEU A 56 13.59 9.17 3.81
C LEU A 56 14.72 8.61 4.68
N VAL A 57 14.65 8.86 5.99
CA VAL A 57 15.69 8.44 6.91
C VAL A 57 15.22 7.33 7.85
N PHE A 58 13.89 7.18 7.97
CA PHE A 58 13.33 6.16 8.84
C PHE A 58 11.90 5.80 8.42
N ILE A 59 11.61 4.51 8.44
CA ILE A 59 10.27 4.01 8.17
C ILE A 59 9.80 3.20 9.38
N ASP A 60 8.70 3.64 9.98
CA ASP A 60 8.13 2.91 11.11
C ASP A 60 6.96 2.07 10.63
N LEU A 61 7.11 0.75 10.61
CA LEU A 61 6.10 -0.16 10.01
C LEU A 61 5.21 -0.78 11.08
N PRO A 62 3.99 -1.22 10.70
CA PRO A 62 3.10 -1.85 11.65
C PRO A 62 3.65 -3.22 12.09
N GLN A 63 3.14 -3.72 13.21
CA GLN A 63 3.45 -5.08 13.65
C GLN A 63 2.66 -6.08 12.83
N ASN A 64 3.29 -7.19 12.48
CA ASN A 64 2.53 -8.30 11.87
C ASN A 64 1.42 -8.76 12.81
N GLY A 65 0.25 -9.03 12.25
CA GLY A 65 -0.91 -9.46 13.02
C GLY A 65 -1.82 -8.31 13.43
N THR A 66 -1.38 -7.08 13.17
CA THR A 66 -2.21 -5.91 13.50
C THR A 66 -3.49 -5.92 12.68
N LYS A 67 -4.62 -5.83 13.38
CA LYS A 67 -5.92 -5.71 12.73
C LYS A 67 -6.18 -4.21 12.46
N LEU A 68 -6.36 -3.87 11.19
CA LEU A 68 -6.55 -2.48 10.79
C LEU A 68 -7.96 -2.24 10.33
N SER A 69 -8.48 -1.03 10.60
CA SER A 69 -9.72 -0.56 9.96
C SER A 69 -9.31 0.52 8.98
N LYS A 70 -10.04 0.62 7.86
CA LYS A 70 -9.84 1.72 6.90
C LYS A 70 -9.70 3.06 7.62
N GLY A 71 -8.60 3.76 7.36
CA GLY A 71 -8.33 5.08 7.95
C GLY A 71 -7.38 5.05 9.15
N ASP A 72 -7.09 3.86 9.72
CA ASP A 72 -6.19 3.77 10.89
C ASP A 72 -4.77 4.20 10.50
N ALA A 73 -4.12 5.03 11.33
CA ALA A 73 -2.69 5.28 11.16
C ALA A 73 -1.94 3.96 11.34
N ALA A 74 -1.21 3.53 10.32
CA ALA A 74 -0.57 2.22 10.36
C ALA A 74 0.96 2.28 10.27
N ALA A 75 1.49 3.33 9.62
CA ALA A 75 2.94 3.48 9.44
C ALA A 75 3.34 4.95 9.48
N VAL A 76 4.62 5.20 9.66
CA VAL A 76 5.14 6.56 9.61
C VAL A 76 6.32 6.55 8.65
N VAL A 77 6.32 7.48 7.69
CA VAL A 77 7.50 7.65 6.82
C VAL A 77 8.09 9.03 7.14
N GLU A 78 9.41 9.07 7.30
CA GLU A 78 10.06 10.22 7.92
C GLU A 78 11.31 10.63 7.15
N SER A 79 11.38 11.90 6.77
CA SER A 79 12.60 12.51 6.21
C SER A 79 13.10 13.48 7.29
N VAL A 80 14.17 14.23 7.05
CA VAL A 80 14.61 15.24 8.03
CA VAL A 80 14.60 15.23 8.04
C VAL A 80 13.58 16.38 8.14
N LYS A 81 13.04 16.80 7.00
CA LYS A 81 12.17 17.99 6.92
C LYS A 81 10.72 17.72 7.26
N ALA A 82 10.31 16.47 7.20
CA ALA A 82 8.90 16.15 7.21
C ALA A 82 8.67 14.71 7.66
N ALA A 83 7.50 14.49 8.25
CA ALA A 83 7.05 13.14 8.53
C ALA A 83 5.61 13.03 8.05
N SER A 84 5.15 11.79 7.91
CA SER A 84 3.84 11.59 7.38
C SER A 84 3.32 10.25 7.86
N ASP A 85 2.10 10.25 8.42
CA ASP A 85 1.43 8.99 8.75
C ASP A 85 0.92 8.40 7.47
N VAL A 86 0.93 7.07 7.42
CA VAL A 86 0.35 6.34 6.30
C VAL A 86 -0.83 5.58 6.87
N TYR A 87 -2.01 5.76 6.28
CA TYR A 87 -3.27 5.21 6.82
C TYR A 87 -3.71 3.95 6.09
N ALA A 88 -4.39 3.05 6.80
CA ALA A 88 -4.85 1.80 6.19
C ALA A 88 -5.91 2.11 5.12
N PRO A 89 -5.70 1.63 3.87
CA PRO A 89 -6.74 1.96 2.86
C PRO A 89 -7.99 1.09 2.94
N LEU A 90 -7.89 -0.05 3.63
CA LEU A 90 -8.97 -1.03 3.78
C LEU A 90 -8.89 -1.65 5.17
N ASP A 91 -10.00 -2.20 5.64
CA ASP A 91 -9.97 -3.13 6.78
C ASP A 91 -9.20 -4.41 6.40
N GLY A 92 -8.40 -4.91 7.33
CA GLY A 92 -7.75 -6.21 7.14
C GLY A 92 -6.66 -6.43 8.17
N GLU A 93 -5.83 -7.45 7.97
CA GLU A 93 -4.81 -7.81 8.93
C GLU A 93 -3.43 -7.76 8.30
N VAL A 94 -2.50 -7.06 8.95
CA VAL A 94 -1.11 -7.02 8.47
C VAL A 94 -0.49 -8.42 8.55
N VAL A 95 0.06 -8.90 7.42
CA VAL A 95 0.67 -10.24 7.42
C VAL A 95 2.15 -10.25 7.07
N GLU A 96 2.66 -9.13 6.51
CA GLU A 96 4.07 -9.03 6.16
CA GLU A 96 4.09 -9.02 6.21
C GLU A 96 4.46 -7.56 6.09
N ILE A 97 5.69 -7.25 6.47
CA ILE A 97 6.21 -5.89 6.29
C ILE A 97 7.48 -5.98 5.44
N ASN A 98 7.91 -4.86 4.89
CA ASN A 98 9.04 -4.87 3.98
C ASN A 98 10.32 -4.73 4.79
N ALA A 99 10.98 -5.87 5.00
CA ALA A 99 12.17 -5.91 5.87
C ALA A 99 13.38 -5.18 5.30
N ALA A 100 13.37 -4.89 4.00
CA ALA A 100 14.48 -4.16 3.38
C ALA A 100 14.57 -2.71 3.87
N LEU A 101 13.44 -2.18 4.34
CA LEU A 101 13.35 -0.75 4.66
C LEU A 101 14.09 -0.31 5.92
N ALA A 102 14.39 -1.24 6.83
CA ALA A 102 15.21 -0.93 8.00
C ALA A 102 16.61 -0.44 7.64
N GLU A 103 17.27 -1.13 6.71
CA GLU A 103 18.62 -0.76 6.27
C GLU A 103 18.58 0.24 5.13
N SER A 104 17.50 0.20 4.34
CA SER A 104 17.41 0.99 3.12
C SER A 104 16.10 1.78 3.04
N PRO A 105 15.89 2.78 3.93
CA PRO A 105 14.63 3.56 3.85
C PRO A 105 14.49 4.29 2.52
N GLU A 106 15.62 4.58 1.86
CA GLU A 106 15.62 5.29 0.57
CA GLU A 106 15.56 5.30 0.58
C GLU A 106 15.01 4.45 -0.57
N LEU A 107 14.82 3.15 -0.35
CA LEU A 107 14.14 2.32 -1.35
C LEU A 107 12.71 2.84 -1.63
N VAL A 108 12.11 3.46 -0.61
CA VAL A 108 10.78 4.08 -0.77
C VAL A 108 10.88 5.27 -1.73
N ASN A 109 11.92 6.09 -1.61
CA ASN A 109 12.14 7.16 -2.59
C ASN A 109 12.38 6.64 -4.02
N GLN A 110 13.20 5.58 -4.11
CA GLN A 110 13.65 5.06 -5.41
C GLN A 110 12.54 4.30 -6.13
N LYS A 111 11.73 3.55 -5.38
CA LYS A 111 10.76 2.62 -5.99
CA LYS A 111 10.79 2.60 -5.95
C LYS A 111 9.45 2.59 -5.19
N ALA A 112 8.90 3.78 -4.96
CA ALA A 112 7.72 3.90 -4.10
C ALA A 112 6.55 2.97 -4.46
N GLU A 113 6.31 2.77 -5.75
CA GLU A 113 5.11 2.05 -6.20
C GLU A 113 5.41 0.61 -6.57
N THR A 114 6.65 0.16 -6.32
CA THR A 114 7.01 -1.24 -6.56
C THR A 114 7.80 -1.82 -5.39
N GLU A 115 9.13 -1.82 -5.48
CA GLU A 115 9.99 -2.47 -4.47
C GLU A 115 9.95 -1.80 -3.08
N GLY A 116 9.51 -0.54 -3.04
CA GLY A 116 9.43 0.22 -1.78
C GLY A 116 8.09 0.14 -1.08
N TRP A 117 7.32 -0.91 -1.35
CA TRP A 117 6.07 -1.17 -0.63
C TRP A 117 6.31 -1.21 0.89
N LEU A 118 5.29 -0.88 1.66
CA LEU A 118 5.43 -0.78 3.12
C LEU A 118 4.97 -2.05 3.84
N TRP A 119 3.73 -2.47 3.58
CA TRP A 119 3.24 -3.71 4.21
C TRP A 119 2.25 -4.43 3.32
N LYS A 120 1.96 -5.68 3.68
CA LYS A 120 0.97 -6.50 3.01
C LYS A 120 -0.06 -6.91 4.03
N MET A 121 -1.31 -6.94 3.61
CA MET A 121 -2.40 -7.29 4.52
C MET A 121 -3.40 -8.21 3.82
N THR A 122 -4.05 -9.05 4.61
CA THR A 122 -5.10 -9.85 4.05
C THR A 122 -6.41 -9.17 4.24
N VAL A 123 -7.22 -9.35 3.21
CA VAL A 123 -8.61 -9.01 3.20
CA VAL A 123 -8.62 -9.04 3.22
C VAL A 123 -9.27 -10.33 2.77
N GLN A 124 -10.34 -10.73 3.45
CA GLN A 124 -11.03 -11.97 3.07
C GLN A 124 -12.06 -11.74 1.94
N ASP A 125 -12.74 -10.59 1.98
CA ASP A 125 -13.69 -10.26 0.89
C ASP A 125 -13.59 -8.82 0.43
N GLU A 126 -13.68 -8.63 -0.88
CA GLU A 126 -13.33 -7.37 -1.49
C GLU A 126 -14.51 -6.41 -1.62
N THR A 127 -15.58 -6.63 -0.86
CA THR A 127 -16.78 -5.77 -0.93
C THR A 127 -16.44 -4.30 -0.60
N GLN A 128 -15.59 -4.10 0.41
CA GLN A 128 -15.25 -2.74 0.81
C GLN A 128 -14.45 -2.04 -0.30
N LEU A 129 -13.45 -2.74 -0.83
CA LEU A 129 -12.66 -2.19 -1.94
C LEU A 129 -13.52 -1.94 -3.16
N GLU A 130 -14.42 -2.86 -3.48
CA GLU A 130 -15.34 -2.70 -4.62
CA GLU A 130 -15.29 -2.65 -4.64
C GLU A 130 -16.17 -1.42 -4.48
N ARG A 131 -16.65 -1.14 -3.28
CA ARG A 131 -17.41 0.09 -3.04
C ARG A 131 -16.58 1.35 -3.34
N LEU A 132 -15.37 1.38 -2.80
CA LEU A 132 -14.47 2.52 -2.95
C LEU A 132 -14.09 2.72 -4.42
N LEU A 133 -13.94 1.63 -5.16
CA LEU A 133 -13.68 1.73 -6.61
C LEU A 133 -14.92 2.22 -7.35
N ASP A 134 -16.09 1.70 -6.98
CA ASP A 134 -17.33 2.10 -7.66
C ASP A 134 -17.62 3.58 -7.44
N GLU A 135 -17.23 4.10 -6.26
CA GLU A 135 -17.39 5.52 -5.86
C GLU A 135 -16.35 6.41 -6.50
N ALA A 136 -15.30 5.78 -7.03
CA ALA A 136 -14.07 6.45 -7.47
C ALA A 136 -13.34 7.19 -6.37
N ALA A 137 -13.52 6.76 -5.11
CA ALA A 137 -12.65 7.23 -4.04
C ALA A 137 -11.23 6.75 -4.33
N TYR A 138 -11.09 5.50 -4.75
CA TYR A 138 -9.82 4.94 -5.22
C TYR A 138 -9.95 4.74 -6.73
N LYS A 139 -8.82 4.87 -7.44
CA LYS A 139 -8.81 4.88 -8.92
C LYS A 139 -7.65 4.05 -9.42
N GLU A 140 -7.81 3.44 -10.60
CA GLU A 140 -6.73 2.62 -11.14
C GLU A 140 -5.51 3.45 -11.54
N LEU A 141 -4.33 2.97 -11.12
CA LEU A 141 -3.07 3.56 -11.47
C LEU A 141 -2.57 2.94 -12.78
N ILE A 142 -2.38 3.78 -13.80
CA ILE A 142 -1.99 3.28 -15.14
C ILE A 142 -0.53 3.52 -15.55
#